data_4ORE
#
_entry.id   4ORE
#
_cell.length_a   112.220
_cell.length_b   112.220
_cell.length_c   46.030
_cell.angle_alpha   90.00
_cell.angle_beta   90.00
_cell.angle_gamma   90.00
#
_symmetry.space_group_name_H-M   'I 41'
#
loop_
_entity.id
_entity.type
_entity.pdbx_description
1 polymer 'Cysteine synthase'
2 polymer 'Peptide inhibitor'
3 non-polymer O-ACETYLSERINE
4 water water
#
loop_
_entity_poly.entity_id
_entity_poly.type
_entity_poly.pdbx_seq_one_letter_code
_entity_poly.pdbx_strand_id
1 'polypeptide(L)'
;HHHHHHHSSGLVPRGSHMAIYADNSYSIGNTPLVRLKHFGHNGNVVVKIEGRNPSYSV(LLP)CRIGANMVWQAEKDGTL
TKGKEIVDATSGNTGIALAYVAAARGYKITLTMPETMSLERKRLLCGLGVNLVLTEGAKGMKGAIAKAEEIVASDPSRYV
MLKQFENPANPQIHRETTGPEIWKDTDGKVDVVVAGVGTGGSITGISRAIKLDFGKQITSVAVEPVESPVISQTLAGEEV
KPGPHKIQGIGAGFIPKNLDLSIIDRVETVDSDTALATARRLMAEEGILAGISSGAAVAAADRLAKLPEFADKLIVVILP
SASERYLSTALFEGIEG
;
X
2 'polypeptide(L)' TFEYGDGI A
#
# COMPACT_ATOMS: atom_id res chain seq x y z
N ALA A 19 -26.45 -7.96 5.24
CA ALA A 19 -25.04 -7.57 5.13
C ALA A 19 -24.21 -8.10 6.31
N ILE A 20 -24.01 -9.41 6.31
CA ILE A 20 -23.20 -10.06 7.33
C ILE A 20 -22.12 -10.89 6.65
N TYR A 21 -20.87 -10.57 6.93
CA TYR A 21 -19.76 -11.22 6.25
C TYR A 21 -19.43 -12.56 6.91
N ALA A 22 -19.20 -13.57 6.08
CA ALA A 22 -18.90 -14.90 6.57
C ALA A 22 -17.63 -14.92 7.42
N ASP A 23 -16.64 -14.11 7.02
CA ASP A 23 -15.48 -13.84 7.87
C ASP A 23 -14.93 -12.43 7.59
N ASN A 24 -13.90 -12.04 8.34
CA ASN A 24 -13.42 -10.66 8.34
C ASN A 24 -12.85 -10.24 6.99
N SER A 25 -12.49 -11.22 6.17
CA SER A 25 -11.89 -10.88 4.89
C SER A 25 -12.91 -10.29 3.91
N TYR A 26 -14.18 -10.63 4.06
CA TYR A 26 -15.20 -10.21 3.08
C TYR A 26 -15.67 -8.80 3.30
N SER A 27 -15.30 -8.23 4.46
CA SER A 27 -15.74 -6.89 4.82
C SER A 27 -14.72 -5.83 4.38
N ILE A 28 -13.76 -6.22 3.55
CA ILE A 28 -12.78 -5.27 3.01
C ILE A 28 -13.38 -4.13 2.23
N GLY A 29 -12.76 -2.96 2.34
CA GLY A 29 -13.13 -1.79 1.56
C GLY A 29 -14.31 -1.00 2.07
N ASN A 30 -15.02 -0.40 1.12
CA ASN A 30 -16.08 0.56 1.39
C ASN A 30 -15.64 1.76 2.23
N THR A 31 -14.41 2.21 1.97
CA THR A 31 -13.78 3.27 2.74
C THR A 31 -14.26 4.65 2.29
N PRO A 32 -14.31 5.62 3.21
CA PRO A 32 -14.95 6.90 2.90
C PRO A 32 -14.01 7.93 2.28
N LEU A 33 -14.61 8.86 1.55
CA LEU A 33 -13.90 10.04 1.07
C LEU A 33 -14.21 11.25 1.96
N VAL A 34 -13.14 11.84 2.50
CA VAL A 34 -13.24 13.03 3.35
C VAL A 34 -12.55 14.20 2.64
N ARG A 35 -13.25 15.33 2.51
CA ARG A 35 -12.62 16.51 1.91
C ARG A 35 -11.72 17.25 2.91
N LEU A 36 -10.56 17.70 2.47
CA LEU A 36 -9.62 18.44 3.34
C LEU A 36 -9.89 19.95 3.35
N LYS A 37 -9.62 20.58 4.48
CA LYS A 37 -9.87 22.01 4.63
C LYS A 37 -8.59 22.84 4.61
N HIS A 38 -7.45 22.21 4.89
CA HIS A 38 -6.21 22.96 5.07
C HIS A 38 -5.18 22.61 4.01
N PHE A 39 -5.67 21.94 2.98
CA PHE A 39 -4.84 21.52 1.87
C PHE A 39 -5.57 21.80 0.57
N GLY A 40 -4.80 21.97 -0.50
CA GLY A 40 -5.40 22.27 -1.79
C GLY A 40 -6.12 23.61 -1.84
N HIS A 41 -7.06 23.72 -2.78
CA HIS A 41 -7.69 24.99 -3.06
C HIS A 41 -9.19 24.79 -3.27
N ASN A 42 -9.98 25.49 -2.46
CA ASN A 42 -11.44 25.34 -2.44
C ASN A 42 -11.93 23.90 -2.50
N GLY A 43 -11.35 23.05 -1.66
CA GLY A 43 -11.81 21.68 -1.48
C GLY A 43 -11.64 20.75 -2.67
N ASN A 44 -10.57 20.93 -3.42
CA ASN A 44 -10.32 20.11 -4.60
C ASN A 44 -9.46 18.89 -4.26
N VAL A 45 -9.09 18.78 -2.99
CA VAL A 45 -8.35 17.64 -2.50
C VAL A 45 -9.20 16.85 -1.51
N VAL A 46 -9.51 15.61 -1.87
CA VAL A 46 -10.25 14.73 -0.99
C VAL A 46 -9.46 13.44 -0.79
N VAL A 47 -9.62 12.82 0.37
CA VAL A 47 -8.79 11.69 0.78
C VAL A 47 -9.61 10.43 1.04
N LYS A 48 -9.01 9.28 0.75
CA LYS A 48 -9.68 8.00 0.92
C LYS A 48 -9.03 7.25 2.07
N ILE A 49 -9.79 7.07 3.15
CA ILE A 49 -9.25 6.54 4.41
C ILE A 49 -9.21 5.00 4.42
N GLU A 50 -8.08 4.45 4.03
CA GLU A 50 -7.88 3.02 3.88
C GLU A 50 -7.55 2.39 5.23
N GLY A 51 -7.29 3.26 6.20
CA GLY A 51 -7.15 2.85 7.60
C GLY A 51 -8.41 2.17 8.09
N ARG A 52 -9.54 2.46 7.45
CA ARG A 52 -10.83 1.93 7.91
C ARG A 52 -11.22 0.59 7.26
N ASN A 53 -10.28 -0.35 7.36
CA ASN A 53 -10.35 -1.70 6.78
C ASN A 53 -10.13 -2.68 7.92
N PRO A 54 -10.48 -3.98 7.72
CA PRO A 54 -10.43 -4.94 8.83
C PRO A 54 -9.09 -5.01 9.58
N SER A 55 -7.95 -4.97 8.90
CA SER A 55 -6.72 -4.90 9.67
C SER A 55 -6.05 -3.53 9.50
N TYR A 56 -6.87 -2.57 9.09
CA TYR A 56 -6.56 -1.14 9.23
C TYR A 56 -5.52 -0.53 8.27
N SER A 57 -5.36 -1.13 7.11
CA SER A 57 -4.55 -0.54 6.05
C SER A 57 -5.17 -0.92 4.72
N VAL A 58 -4.66 -0.32 3.65
CA VAL A 58 -5.15 -0.60 2.31
C VAL A 58 -4.85 -2.05 1.92
N CYS A 60 -5.33 -4.75 3.44
CA CYS A 60 -6.38 -5.71 3.80
C CYS A 60 -7.07 -6.23 2.55
N ARG A 61 -7.22 -5.34 1.58
CA ARG A 61 -7.85 -5.70 0.33
C ARG A 61 -7.03 -6.75 -0.43
N ILE A 62 -5.70 -6.66 -0.39
CA ILE A 62 -4.89 -7.63 -1.14
C ILE A 62 -4.59 -8.89 -0.33
N GLY A 63 -4.60 -8.75 0.99
CA GLY A 63 -4.53 -9.90 1.88
C GLY A 63 -5.70 -10.82 1.56
N ALA A 64 -6.89 -10.26 1.53
CA ALA A 64 -8.09 -11.02 1.14
C ALA A 64 -7.96 -11.64 -0.25
N ASN A 65 -7.81 -10.80 -1.26
CA ASN A 65 -7.91 -11.27 -2.63
C ASN A 65 -6.76 -12.17 -3.09
N MET A 66 -5.57 -12.00 -2.51
CA MET A 66 -4.45 -12.88 -2.88
C MET A 66 -4.73 -14.30 -2.39
N VAL A 67 -5.20 -14.41 -1.16
CA VAL A 67 -5.61 -15.71 -0.62
C VAL A 67 -6.80 -16.32 -1.40
N TRP A 68 -7.87 -15.55 -1.62
CA TRP A 68 -9.05 -16.05 -2.36
C TRP A 68 -8.64 -16.61 -3.73
N GLN A 69 -7.83 -15.85 -4.45
CA GLN A 69 -7.41 -16.27 -5.78
C GLN A 69 -6.55 -17.51 -5.73
N ALA A 70 -5.67 -17.58 -4.74
CA ALA A 70 -4.85 -18.78 -4.55
C ALA A 70 -5.73 -20.00 -4.22
N GLU A 71 -6.79 -19.76 -3.46
CA GLU A 71 -7.77 -20.80 -3.18
C GLU A 71 -8.45 -21.20 -4.48
N LYS A 72 -8.88 -20.19 -5.24
CA LYS A 72 -9.59 -20.39 -6.50
C LYS A 72 -8.79 -21.18 -7.54
N ASP A 73 -7.49 -20.97 -7.60
CA ASP A 73 -6.71 -21.65 -8.63
C ASP A 73 -5.90 -22.80 -8.08
N GLY A 74 -6.16 -23.14 -6.81
CA GLY A 74 -5.74 -24.42 -6.26
C GLY A 74 -4.37 -24.49 -5.63
N THR A 75 -3.61 -23.40 -5.71
CA THR A 75 -2.27 -23.39 -5.12
C THR A 75 -2.31 -23.29 -3.60
N LEU A 76 -3.37 -22.68 -3.07
CA LEU A 76 -3.59 -22.67 -1.64
C LEU A 76 -4.73 -23.60 -1.28
N THR A 77 -4.47 -24.50 -0.33
CA THR A 77 -5.44 -25.52 0.06
C THR A 77 -5.32 -25.83 1.54
N LYS A 78 -6.30 -26.56 2.08
CA LYS A 78 -6.20 -27.02 3.45
C LYS A 78 -4.91 -27.85 3.63
N GLY A 79 -4.07 -27.42 4.58
CA GLY A 79 -2.83 -28.11 4.84
C GLY A 79 -1.61 -27.24 4.55
N LYS A 80 -1.60 -26.64 3.36
CA LYS A 80 -0.49 -25.79 2.92
C LYS A 80 -0.38 -24.51 3.75
N GLU A 81 0.85 -24.12 4.04
CA GLU A 81 1.13 -22.95 4.86
C GLU A 81 1.50 -21.76 3.98
N ILE A 82 0.88 -20.62 4.25
CA ILE A 82 1.28 -19.37 3.59
C ILE A 82 2.63 -18.93 4.14
N VAL A 83 3.54 -18.61 3.23
CA VAL A 83 4.84 -18.10 3.63
C VAL A 83 5.07 -16.84 2.80
N ASP A 84 5.73 -15.83 3.39
CA ASP A 84 6.06 -14.62 2.64
C ASP A 84 6.97 -13.67 3.41
N ALA A 85 7.47 -12.66 2.71
CA ALA A 85 8.33 -11.66 3.33
C ALA A 85 7.72 -10.28 3.12
N THR A 86 7.67 -9.51 4.20
CA THR A 86 7.02 -8.21 4.21
C THR A 86 7.38 -7.43 5.48
N GLY A 88 5.25 -3.98 6.13
CA GLY A 88 4.61 -4.72 7.20
C GLY A 88 3.10 -4.81 7.12
N ASN A 89 2.46 -3.80 6.57
CA ASN A 89 1.01 -3.81 6.41
C ASN A 89 0.50 -5.05 5.69
N THR A 90 1.25 -5.50 4.69
CA THR A 90 0.92 -6.74 3.98
C THR A 90 0.98 -8.00 4.87
N GLY A 91 2.00 -8.06 5.73
CA GLY A 91 2.07 -9.09 6.74
C GLY A 91 0.82 -9.15 7.63
N ILE A 92 0.44 -8.01 8.17
CA ILE A 92 -0.73 -7.89 9.03
C ILE A 92 -2.01 -8.25 8.28
N ALA A 93 -2.09 -7.87 7.00
CA ALA A 93 -3.23 -8.23 6.17
C ALA A 93 -3.32 -9.75 5.95
N LEU A 94 -2.17 -10.35 5.67
CA LEU A 94 -2.15 -11.79 5.43
C LEU A 94 -2.40 -12.51 6.76
N ALA A 95 -1.83 -11.96 7.83
CA ALA A 95 -2.05 -12.45 9.19
C ALA A 95 -3.52 -12.63 9.52
N TYR A 96 -4.32 -11.59 9.31
CA TYR A 96 -5.72 -11.71 9.69
C TYR A 96 -6.47 -12.62 8.72
N VAL A 97 -6.11 -12.63 7.44
CA VAL A 97 -6.80 -13.51 6.50
C VAL A 97 -6.49 -15.00 6.78
N ALA A 98 -5.23 -15.27 7.12
CA ALA A 98 -4.80 -16.59 7.54
C ALA A 98 -5.66 -17.06 8.72
N ALA A 99 -5.67 -16.26 9.78
CA ALA A 99 -6.49 -16.51 10.97
C ALA A 99 -7.96 -16.66 10.60
N ALA A 100 -8.49 -15.69 9.87
CA ALA A 100 -9.90 -15.72 9.46
C ALA A 100 -10.27 -16.98 8.65
N ARG A 101 -9.39 -17.44 7.76
CA ARG A 101 -9.74 -18.54 6.88
C ARG A 101 -9.13 -19.89 7.29
N GLY A 102 -8.32 -19.88 8.34
CA GLY A 102 -7.74 -21.10 8.87
C GLY A 102 -6.53 -21.58 8.12
N TYR A 103 -5.51 -20.74 8.05
CA TYR A 103 -4.22 -21.12 7.49
C TYR A 103 -3.12 -20.87 8.51
N LYS A 104 -2.11 -21.73 8.51
CA LYS A 104 -0.86 -21.42 9.20
C LYS A 104 -0.15 -20.42 8.31
N ILE A 105 0.72 -19.61 8.89
CA ILE A 105 1.44 -18.61 8.12
C ILE A 105 2.78 -18.24 8.73
N THR A 106 3.81 -18.22 7.90
CA THR A 106 5.12 -17.77 8.34
C THR A 106 5.42 -16.51 7.57
N LEU A 107 5.83 -15.47 8.29
CA LEU A 107 6.20 -14.21 7.67
C LEU A 107 7.63 -13.88 8.01
N THR A 108 8.48 -13.90 7.00
CA THR A 108 9.88 -13.60 7.24
C THR A 108 10.04 -12.10 7.43
N MET A 109 10.86 -11.75 8.42
CA MET A 109 11.14 -10.36 8.73
C MET A 109 12.49 -10.30 9.41
N PRO A 110 13.21 -9.19 9.20
CA PRO A 110 14.46 -8.95 9.91
C PRO A 110 14.27 -8.80 11.42
N GLU A 111 15.31 -8.34 12.10
CA GLU A 111 15.21 -7.95 13.51
C GLU A 111 14.75 -6.50 13.60
N THR A 112 14.88 -5.78 12.50
CA THR A 112 15.03 -4.32 12.55
C THR A 112 13.80 -3.45 12.27
N MET A 113 14.05 -2.39 11.51
CA MET A 113 13.09 -1.30 11.29
C MET A 113 11.72 -1.77 10.82
N SER A 114 10.73 -0.88 10.97
CA SER A 114 9.32 -1.21 10.82
C SER A 114 8.85 -2.10 11.97
N LEU A 115 9.50 -1.98 13.13
CA LEU A 115 9.17 -2.84 14.28
C LEU A 115 8.00 -2.28 15.11
N GLU A 116 7.95 -2.67 16.40
CA GLU A 116 6.76 -2.49 17.24
C GLU A 116 5.53 -3.01 16.49
N ARG A 117 5.48 -4.32 16.32
CA ARG A 117 4.65 -4.97 15.32
C ARG A 117 4.81 -6.48 15.49
N LYS A 118 5.80 -6.86 16.30
CA LYS A 118 6.10 -8.25 16.55
C LYS A 118 4.94 -8.91 17.27
N ARG A 119 4.59 -8.36 18.42
CA ARG A 119 3.53 -8.93 19.23
C ARG A 119 2.18 -8.78 18.54
N LEU A 120 2.08 -7.82 17.63
CA LEU A 120 0.86 -7.66 16.85
C LEU A 120 0.71 -8.84 15.88
N LEU A 121 1.71 -9.01 15.02
CA LEU A 121 1.77 -10.20 14.17
C LEU A 121 1.75 -11.46 15.04
N CYS A 122 2.49 -11.45 16.15
CA CYS A 122 2.47 -12.57 17.08
C CYS A 122 1.08 -12.75 17.64
N GLY A 123 0.39 -11.64 17.86
CA GLY A 123 -0.96 -11.70 18.38
C GLY A 123 -1.94 -12.25 17.37
N LEU A 124 -1.61 -12.16 16.09
CA LEU A 124 -2.47 -12.72 15.04
C LEU A 124 -2.12 -14.19 14.77
N GLY A 125 -1.17 -14.71 15.55
CA GLY A 125 -0.88 -16.14 15.52
C GLY A 125 0.14 -16.50 14.46
N VAL A 126 0.71 -15.47 13.83
CA VAL A 126 1.75 -15.64 12.85
C VAL A 126 2.95 -16.21 13.58
N ASN A 127 3.74 -17.02 12.88
CA ASN A 127 5.03 -17.39 13.41
C ASN A 127 6.08 -16.69 12.59
N LEU A 128 6.69 -15.67 13.19
CA LEU A 128 7.71 -14.88 12.53
C LEU A 128 8.98 -15.70 12.45
N VAL A 129 9.54 -15.82 11.25
CA VAL A 129 10.86 -16.38 11.11
C VAL A 129 11.85 -15.34 11.62
N LEU A 130 12.37 -15.58 12.82
CA LEU A 130 13.25 -14.64 13.51
C LEU A 130 14.57 -14.48 12.77
N THR A 131 14.53 -13.71 11.67
CA THR A 131 15.66 -13.60 10.77
C THR A 131 16.52 -12.39 11.08
N GLU A 132 17.73 -12.63 11.58
CA GLU A 132 18.64 -11.53 11.89
C GLU A 132 19.28 -10.95 10.63
N ALA A 134 22.89 -8.26 8.69
CA ALA A 134 22.44 -8.18 7.30
C ALA A 134 20.96 -7.87 7.24
N LYS A 135 20.43 -7.36 8.34
CA LYS A 135 19.00 -7.13 8.51
C LYS A 135 18.33 -6.36 7.38
N GLY A 136 17.65 -7.08 6.51
CA GLY A 136 16.96 -6.48 5.38
C GLY A 136 16.10 -7.50 4.68
N MET A 137 15.54 -7.14 3.55
CA MET A 137 14.55 -7.98 2.88
C MET A 137 15.09 -9.23 2.21
N LYS A 138 16.23 -9.10 1.53
CA LYS A 138 16.88 -10.26 0.93
C LYS A 138 17.12 -11.31 2.01
N GLY A 139 17.63 -10.86 3.15
CA GLY A 139 17.84 -11.74 4.31
C GLY A 139 16.58 -12.54 4.65
N ALA A 140 15.43 -11.90 4.44
CA ALA A 140 14.14 -12.54 4.64
C ALA A 140 13.73 -13.34 3.39
N ILE A 141 13.80 -12.70 2.23
CA ILE A 141 13.45 -13.36 0.97
C ILE A 141 14.32 -14.59 0.73
N ALA A 142 15.57 -14.52 1.17
CA ALA A 142 16.42 -15.70 1.18
C ALA A 142 15.80 -16.77 2.06
N LYS A 143 15.48 -16.38 3.30
CA LYS A 143 14.87 -17.30 4.24
C LYS A 143 13.45 -17.66 3.77
N ALA A 144 12.77 -16.71 3.16
CA ALA A 144 11.47 -16.97 2.55
C ALA A 144 11.65 -18.06 1.52
N GLU A 145 12.48 -17.78 0.51
CA GLU A 145 12.80 -18.74 -0.53
C GLU A 145 13.32 -20.07 0.04
N GLU A 146 14.23 -20.00 1.01
CA GLU A 146 14.78 -21.22 1.61
C GLU A 146 13.67 -22.04 2.27
N ILE A 147 12.79 -21.36 2.99
CA ILE A 147 11.62 -22.02 3.54
C ILE A 147 10.81 -22.54 2.38
N VAL A 148 10.56 -21.68 1.40
CA VAL A 148 9.86 -22.05 0.18
C VAL A 148 10.56 -23.22 -0.52
N ALA A 149 11.89 -23.20 -0.48
CA ALA A 149 12.67 -24.27 -1.08
C ALA A 149 12.47 -25.60 -0.35
N SER A 150 12.52 -25.54 0.98
CA SER A 150 12.48 -26.74 1.83
C SER A 150 11.37 -27.72 1.47
N ASP A 151 10.16 -27.22 1.20
CA ASP A 151 9.03 -28.07 0.87
C ASP A 151 8.02 -27.29 0.05
N PRO A 152 8.16 -27.33 -1.28
CA PRO A 152 7.23 -26.68 -2.23
C PRO A 152 5.78 -27.12 -2.01
N SER A 153 5.61 -28.36 -1.59
CA SER A 153 4.28 -28.93 -1.44
C SER A 153 3.55 -28.36 -0.23
N ARG A 154 4.30 -27.85 0.74
CA ARG A 154 3.72 -27.37 2.00
C ARG A 154 3.60 -25.85 2.08
N TYR A 155 4.37 -25.14 1.26
CA TYR A 155 4.42 -23.69 1.36
C TYR A 155 3.89 -23.01 0.09
N VAL A 156 3.26 -21.85 0.27
CA VAL A 156 2.81 -21.04 -0.85
C VAL A 156 3.19 -19.61 -0.57
N MET A 157 3.95 -19.00 -1.47
CA MET A 157 4.33 -17.61 -1.30
C MET A 157 3.52 -16.76 -2.26
N LEU A 158 2.76 -15.82 -1.72
CA LEU A 158 1.80 -15.09 -2.52
C LEU A 158 2.36 -13.90 -3.32
N LYS A 159 3.58 -13.46 -3.00
CA LYS A 159 4.37 -12.55 -3.85
C LYS A 159 3.69 -11.22 -4.23
N GLN A 160 3.48 -10.35 -3.25
CA GLN A 160 2.69 -9.15 -3.44
C GLN A 160 3.22 -8.22 -4.53
N PHE A 161 4.53 -8.15 -4.67
CA PHE A 161 5.14 -7.28 -5.66
C PHE A 161 4.81 -7.65 -7.10
N GLU A 162 4.38 -8.88 -7.34
CA GLU A 162 4.09 -9.27 -8.71
C GLU A 162 2.77 -9.99 -8.89
N ASN A 163 2.17 -10.45 -7.80
CA ASN A 163 0.92 -11.20 -7.89
C ASN A 163 -0.22 -10.34 -8.44
N PRO A 164 -0.70 -10.67 -9.63
CA PRO A 164 -1.76 -9.90 -10.30
C PRO A 164 -3.06 -9.70 -9.49
N ALA A 165 -3.32 -10.58 -8.53
CA ALA A 165 -4.50 -10.42 -7.66
C ALA A 165 -4.41 -9.18 -6.78
N ASN A 166 -3.19 -8.69 -6.56
CA ASN A 166 -2.98 -7.41 -5.89
C ASN A 166 -3.62 -6.25 -6.68
N PRO A 167 -3.12 -5.94 -7.89
CA PRO A 167 -3.86 -4.88 -8.60
C PRO A 167 -5.31 -5.24 -8.91
N GLN A 168 -5.62 -6.51 -9.10
CA GLN A 168 -6.97 -6.86 -9.53
C GLN A 168 -8.04 -6.42 -8.52
N ILE A 169 -7.75 -6.57 -7.24
CA ILE A 169 -8.72 -6.20 -6.22
C ILE A 169 -9.03 -4.68 -6.21
N HIS A 170 -7.98 -3.87 -6.32
CA HIS A 170 -8.13 -2.43 -6.46
C HIS A 170 -8.90 -2.07 -7.73
N ARG A 171 -8.74 -2.89 -8.76
CA ARG A 171 -9.49 -2.67 -9.98
C ARG A 171 -10.98 -2.86 -9.70
N GLU A 172 -11.29 -3.77 -8.78
CA GLU A 172 -12.67 -4.18 -8.58
C GLU A 172 -13.33 -3.51 -7.39
N THR A 173 -12.53 -3.05 -6.45
CA THR A 173 -13.12 -2.41 -5.29
C THR A 173 -12.65 -0.97 -5.16
N THR A 174 -11.34 -0.77 -4.96
CA THR A 174 -10.86 0.56 -4.62
C THR A 174 -11.23 1.59 -5.68
N GLY A 175 -11.05 1.20 -6.94
CA GLY A 175 -11.33 2.10 -8.04
C GLY A 175 -12.81 2.37 -8.20
N PRO A 176 -13.62 1.30 -8.25
CA PRO A 176 -15.07 1.54 -8.37
C PRO A 176 -15.64 2.34 -7.21
N GLU A 177 -15.10 2.19 -5.99
CA GLU A 177 -15.56 2.99 -4.84
C GLU A 177 -15.31 4.47 -5.10
N ILE A 178 -14.13 4.78 -5.62
CA ILE A 178 -13.78 6.17 -5.94
C ILE A 178 -14.70 6.75 -7.02
N TRP A 179 -14.98 5.99 -8.05
CA TRP A 179 -15.84 6.47 -9.13
C TRP A 179 -17.23 6.81 -8.60
N LYS A 180 -17.76 5.92 -7.78
CA LYS A 180 -19.14 6.00 -7.34
C LYS A 180 -19.34 7.14 -6.37
N ASP A 181 -18.38 7.29 -5.47
CA ASP A 181 -18.46 8.27 -4.39
C ASP A 181 -18.25 9.68 -4.94
N THR A 182 -17.61 9.80 -6.09
CA THR A 182 -17.43 11.08 -6.77
C THR A 182 -18.44 11.26 -7.89
N ASP A 183 -19.15 10.18 -8.21
CA ASP A 183 -20.06 10.13 -9.35
C ASP A 183 -19.34 10.50 -10.65
N GLY A 184 -18.23 9.82 -10.90
CA GLY A 184 -17.47 10.02 -12.12
C GLY A 184 -16.75 11.34 -12.25
N LYS A 185 -16.59 12.05 -11.14
CA LYS A 185 -16.02 13.39 -11.19
C LYS A 185 -14.55 13.46 -10.73
N VAL A 186 -14.02 12.36 -10.22
CA VAL A 186 -12.60 12.31 -9.94
C VAL A 186 -11.84 12.70 -11.22
N ASP A 187 -10.89 13.62 -11.09
CA ASP A 187 -10.07 14.00 -12.22
C ASP A 187 -8.63 13.52 -12.05
N VAL A 188 -8.23 13.31 -10.80
CA VAL A 188 -6.84 12.97 -10.49
C VAL A 188 -6.81 11.96 -9.38
N VAL A 189 -5.91 10.98 -9.50
CA VAL A 189 -5.65 10.01 -8.44
C VAL A 189 -4.18 10.08 -7.99
N VAL A 190 -3.97 10.44 -6.73
CA VAL A 190 -2.64 10.51 -6.15
C VAL A 190 -2.39 9.35 -5.17
N ALA A 191 -1.37 8.54 -5.45
CA ALA A 191 -1.07 7.41 -4.57
C ALA A 191 0.41 7.02 -4.49
N GLY A 192 0.89 6.84 -3.26
CA GLY A 192 2.23 6.31 -3.05
C GLY A 192 2.33 4.93 -3.67
N VAL A 193 3.53 4.59 -4.13
CA VAL A 193 3.78 3.26 -4.71
C VAL A 193 4.69 2.40 -3.84
N GLY A 194 4.15 1.24 -3.44
CA GLY A 194 4.94 0.23 -2.77
C GLY A 194 5.03 -0.96 -3.70
N THR A 195 3.89 -1.63 -3.90
CA THR A 195 3.78 -2.64 -4.94
C THR A 195 3.36 -2.01 -6.27
N GLY A 196 2.72 -0.84 -6.20
CA GLY A 196 2.15 -0.22 -7.38
C GLY A 196 0.75 -0.74 -7.60
N GLY A 197 0.36 -1.73 -6.80
CA GLY A 197 -0.95 -2.35 -6.91
C GLY A 197 -2.10 -1.35 -6.82
N SER A 198 -2.00 -0.45 -5.85
CA SER A 198 -3.08 0.51 -5.62
C SER A 198 -3.30 1.40 -6.83
N ILE A 199 -2.27 2.14 -7.25
CA ILE A 199 -2.46 3.05 -8.37
C ILE A 199 -2.79 2.32 -9.68
N THR A 200 -2.20 1.14 -9.86
CA THR A 200 -2.38 0.37 -11.09
C THR A 200 -3.84 -0.09 -11.27
N GLY A 201 -4.37 -0.75 -10.23
CA GLY A 201 -5.75 -1.21 -10.25
C GLY A 201 -6.74 -0.07 -10.34
N ILE A 202 -6.47 1.00 -9.60
CA ILE A 202 -7.38 2.15 -9.58
C ILE A 202 -7.45 2.77 -10.97
N SER A 203 -6.28 3.06 -11.53
CA SER A 203 -6.21 3.70 -12.84
C SER A 203 -6.98 2.87 -13.86
N ARG A 204 -6.67 1.58 -13.93
CA ARG A 204 -7.31 0.68 -14.87
C ARG A 204 -8.83 0.76 -14.74
N ALA A 205 -9.35 0.57 -13.54
CA ALA A 205 -10.77 0.80 -13.28
C ALA A 205 -11.31 2.11 -13.87
N ILE A 206 -10.74 3.24 -13.47
CA ILE A 206 -11.32 4.52 -13.88
C ILE A 206 -11.13 4.80 -15.38
N LYS A 207 -9.90 4.61 -15.84
CA LYS A 207 -9.59 4.86 -17.24
C LYS A 207 -10.22 3.83 -18.19
N LEU A 208 -10.09 2.55 -17.86
CA LEU A 208 -10.50 1.51 -18.80
C LEU A 208 -11.93 1.01 -18.57
N ASP A 209 -12.30 0.77 -17.32
CA ASP A 209 -13.64 0.27 -17.04
C ASP A 209 -14.72 1.36 -17.16
N PHE A 210 -14.45 2.56 -16.63
CA PHE A 210 -15.42 3.64 -16.72
C PHE A 210 -15.15 4.62 -17.87
N GLY A 211 -13.93 4.57 -18.42
CA GLY A 211 -13.63 5.28 -19.64
C GLY A 211 -13.25 6.73 -19.45
N LYS A 212 -12.84 7.09 -18.24
CA LYS A 212 -12.49 8.47 -17.99
C LYS A 212 -10.98 8.72 -17.96
N GLN A 213 -10.55 9.70 -18.76
CA GLN A 213 -9.16 10.08 -18.89
C GLN A 213 -8.68 10.98 -17.73
N ILE A 214 -8.49 10.37 -16.57
CA ILE A 214 -7.93 11.05 -15.43
C ILE A 214 -6.41 11.10 -15.42
N THR A 215 -5.86 11.89 -14.50
CA THR A 215 -4.43 11.89 -14.29
C THR A 215 -4.03 11.05 -13.07
N SER A 216 -3.28 10.00 -13.35
CA SER A 216 -2.79 9.14 -12.30
C SER A 216 -1.40 9.60 -11.88
N VAL A 217 -1.25 9.86 -10.59
CA VAL A 217 0.00 10.32 -10.05
C VAL A 217 0.59 9.34 -9.06
N ALA A 218 1.73 8.75 -9.43
CA ALA A 218 2.50 7.93 -8.49
C ALA A 218 3.30 8.85 -7.62
N VAL A 219 3.41 8.51 -6.34
CA VAL A 219 4.28 9.26 -5.42
C VAL A 219 5.40 8.36 -4.88
N GLU A 220 6.60 8.91 -4.78
CA GLU A 220 7.76 8.14 -4.31
C GLU A 220 8.67 9.07 -3.52
N PRO A 221 9.59 8.51 -2.72
CA PRO A 221 10.45 9.40 -1.94
C PRO A 221 11.52 10.06 -2.80
N VAL A 222 11.85 11.30 -2.48
CA VAL A 222 12.91 11.99 -3.18
C VAL A 222 14.22 11.28 -2.88
N GLU A 223 14.28 10.65 -1.70
CA GLU A 223 15.45 9.89 -1.27
C GLU A 223 15.70 8.64 -2.12
N SER A 224 14.66 8.15 -2.80
CA SER A 224 14.78 6.96 -3.63
C SER A 224 13.82 7.02 -4.82
N PRO A 225 14.07 7.94 -5.76
CA PRO A 225 13.10 8.19 -6.82
C PRO A 225 13.31 7.30 -8.03
N VAL A 226 13.23 5.99 -7.83
CA VAL A 226 13.56 5.04 -8.89
C VAL A 226 12.58 5.07 -10.07
N ILE A 227 11.34 5.50 -9.84
CA ILE A 227 10.40 5.61 -10.95
C ILE A 227 10.71 6.84 -11.80
N SER A 228 10.93 7.97 -11.12
CA SER A 228 11.35 9.20 -11.77
C SER A 228 12.60 8.98 -12.61
N GLN A 229 13.58 8.25 -12.05
CA GLN A 229 14.82 7.95 -12.75
C GLN A 229 14.62 7.01 -13.95
N THR A 230 13.75 6.03 -13.79
CA THR A 230 13.56 5.07 -14.87
C THR A 230 12.94 5.78 -16.07
N LEU A 231 11.83 6.47 -15.85
CA LEU A 231 11.12 7.18 -16.92
C LEU A 231 11.99 8.21 -17.63
N ALA A 232 12.98 8.72 -16.91
CA ALA A 232 13.89 9.72 -17.45
C ALA A 232 15.05 9.02 -18.16
N GLY A 233 15.12 7.70 -17.97
CA GLY A 233 16.21 6.92 -18.51
C GLY A 233 17.51 7.37 -17.87
N GLU A 234 17.45 7.62 -16.57
CA GLU A 234 18.64 8.00 -15.82
C GLU A 234 19.09 6.84 -14.94
N GLU A 235 20.33 6.94 -14.44
CA GLU A 235 20.86 5.93 -13.53
C GLU A 235 19.90 5.73 -12.38
N VAL A 236 19.53 4.48 -12.14
CA VAL A 236 18.61 4.15 -11.05
C VAL A 236 19.39 3.98 -9.75
N LYS A 237 19.32 4.98 -8.89
CA LYS A 237 19.99 4.90 -7.60
C LYS A 237 19.02 5.09 -6.44
N PRO A 238 18.65 3.99 -5.78
CA PRO A 238 17.73 4.08 -4.65
C PRO A 238 18.49 4.40 -3.37
N GLY A 239 17.77 4.82 -2.33
CA GLY A 239 18.38 5.10 -1.04
C GLY A 239 17.41 4.91 0.11
N PRO A 240 17.93 4.90 1.34
CA PRO A 240 17.13 4.79 2.57
C PRO A 240 16.22 6.00 2.80
N HIS A 241 15.06 5.78 3.39
CA HIS A 241 14.11 6.85 3.66
C HIS A 241 13.13 6.43 4.74
N LYS A 242 12.39 7.40 5.28
CA LYS A 242 11.51 7.14 6.41
C LYS A 242 10.05 6.90 6.05
N ILE A 243 9.69 6.96 4.77
CA ILE A 243 8.26 6.87 4.40
C ILE A 243 7.78 5.43 4.24
N GLN A 244 7.52 4.80 5.37
CA GLN A 244 7.19 3.39 5.44
C GLN A 244 6.04 3.03 4.50
N GLY A 245 6.21 1.94 3.73
CA GLY A 245 5.15 1.48 2.84
C GLY A 245 5.38 1.83 1.38
N ILE A 246 6.24 2.81 1.11
CA ILE A 246 6.57 3.14 -0.26
C ILE A 246 8.08 3.15 -0.43
N GLY A 247 8.53 3.40 -1.65
CA GLY A 247 9.95 3.49 -1.92
C GLY A 247 10.68 2.18 -1.78
N ALA A 248 10.30 1.20 -2.60
CA ALA A 248 10.92 -0.12 -2.58
C ALA A 248 12.33 -0.14 -3.19
N GLY A 249 12.67 0.90 -3.92
CA GLY A 249 13.99 0.97 -4.53
C GLY A 249 14.16 0.11 -5.77
N PHE A 250 13.04 -0.34 -6.33
CA PHE A 250 13.04 -0.97 -7.65
C PHE A 250 11.66 -0.76 -8.27
N ILE A 251 11.53 -1.01 -9.57
CA ILE A 251 10.24 -0.92 -10.22
C ILE A 251 9.55 -2.26 -10.11
N PRO A 252 8.50 -2.33 -9.28
CA PRO A 252 7.79 -3.59 -9.04
C PRO A 252 6.88 -3.97 -10.21
N LYS A 253 6.68 -5.27 -10.43
CA LYS A 253 5.88 -5.75 -11.54
C LYS A 253 4.44 -5.29 -11.44
N ASN A 254 3.92 -5.23 -10.23
CA ASN A 254 2.57 -4.75 -10.04
C ASN A 254 2.42 -3.25 -10.26
N LEU A 255 3.50 -2.59 -10.68
CA LEU A 255 3.43 -1.20 -11.11
C LEU A 255 3.36 -1.11 -12.61
N ASP A 256 2.16 -0.81 -13.12
CA ASP A 256 1.97 -0.62 -14.56
C ASP A 256 2.37 0.80 -14.98
N LEU A 257 3.60 0.96 -15.46
CA LEU A 257 4.09 2.27 -15.91
C LEU A 257 3.15 2.91 -16.94
N SER A 258 2.68 2.10 -17.89
CA SER A 258 1.78 2.55 -18.96
C SER A 258 0.61 3.44 -18.54
N ILE A 259 0.04 3.22 -17.35
CA ILE A 259 -1.10 4.07 -16.95
C ILE A 259 -0.70 5.29 -16.12
N ILE A 260 0.58 5.35 -15.72
CA ILE A 260 1.09 6.45 -14.91
C ILE A 260 1.27 7.71 -15.74
N ASP A 261 0.65 8.81 -15.31
CA ASP A 261 0.75 10.06 -16.08
C ASP A 261 1.80 11.00 -15.50
N ARG A 262 2.06 10.86 -14.21
CA ARG A 262 2.95 11.78 -13.52
C ARG A 262 3.56 11.11 -12.29
N VAL A 263 4.76 11.54 -11.95
CA VAL A 263 5.42 11.05 -10.76
C VAL A 263 5.88 12.24 -9.95
N GLU A 264 5.44 12.30 -8.70
CA GLU A 264 5.84 13.37 -7.77
C GLU A 264 6.72 12.76 -6.72
N THR A 265 7.75 13.49 -6.30
CA THR A 265 8.60 13.01 -5.22
C THR A 265 8.44 13.89 -3.96
N VAL A 266 8.58 13.26 -2.81
CA VAL A 266 8.34 13.94 -1.53
C VAL A 266 9.39 13.46 -0.55
N ASP A 267 9.88 14.38 0.30
CA ASP A 267 10.94 14.02 1.23
C ASP A 267 10.33 13.50 2.53
N SER A 268 11.09 12.67 3.25
CA SER A 268 10.63 12.08 4.50
C SER A 268 10.08 13.10 5.52
N ASP A 269 10.85 14.15 5.80
CA ASP A 269 10.45 15.14 6.80
C ASP A 269 9.12 15.82 6.47
N THR A 270 9.01 16.31 5.24
CA THR A 270 7.76 16.93 4.82
C THR A 270 6.58 15.97 4.94
N ALA A 271 6.83 14.70 4.58
CA ALA A 271 5.83 13.64 4.66
C ALA A 271 5.36 13.42 6.09
N LEU A 272 6.32 13.40 7.01
CA LEU A 272 6.03 13.23 8.42
C LEU A 272 5.22 14.42 8.94
N ALA A 273 5.68 15.61 8.58
CA ALA A 273 5.04 16.84 9.02
C ALA A 273 3.65 16.94 8.44
N THR A 274 3.48 16.43 7.21
CA THR A 274 2.17 16.47 6.58
C THR A 274 1.24 15.52 7.34
N ALA A 275 1.81 14.44 7.84
CA ALA A 275 1.01 13.46 8.58
C ALA A 275 0.54 14.05 9.90
N ARG A 276 1.46 14.77 10.58
CA ARG A 276 1.12 15.47 11.83
C ARG A 276 0.03 16.50 11.62
N ARG A 277 0.13 17.26 10.54
CA ARG A 277 -0.89 18.28 10.20
C ARG A 277 -2.24 17.64 9.91
N LEU A 278 -2.21 16.42 9.37
CA LEU A 278 -3.45 15.69 9.06
C LEU A 278 -4.19 15.38 10.35
N MET A 279 -3.45 14.97 11.37
CA MET A 279 -3.99 14.77 12.70
C MET A 279 -4.53 16.08 13.30
N ALA A 280 -3.62 17.03 13.54
CA ALA A 280 -3.91 18.26 14.27
C ALA A 280 -4.86 19.27 13.59
N GLU A 281 -4.78 19.38 12.26
CA GLU A 281 -5.60 20.36 11.55
C GLU A 281 -6.84 19.78 10.90
N GLU A 282 -6.82 18.47 10.59
CA GLU A 282 -7.94 17.83 9.90
C GLU A 282 -8.65 16.77 10.74
N GLY A 283 -8.03 16.37 11.85
CA GLY A 283 -8.59 15.36 12.71
C GLY A 283 -8.72 14.04 11.98
N ILE A 284 -7.66 13.69 11.26
CA ILE A 284 -7.64 12.49 10.42
C ILE A 284 -6.42 11.68 10.81
N LEU A 285 -6.65 10.49 11.35
CA LEU A 285 -5.59 9.70 11.95
C LEU A 285 -4.71 8.97 10.93
N ALA A 286 -3.90 9.74 10.21
CA ALA A 286 -3.16 9.17 9.08
C ALA A 286 -1.74 8.67 9.39
N GLY A 287 -1.32 7.66 8.64
CA GLY A 287 0.04 7.15 8.73
C GLY A 287 1.01 7.96 7.89
N ILE A 288 2.28 7.62 7.99
CA ILE A 288 3.36 8.39 7.37
C ILE A 288 3.24 8.58 5.85
N SER A 289 3.04 7.51 5.10
CA SER A 289 2.92 7.61 3.65
C SER A 289 1.63 8.33 3.22
N SER A 290 0.64 8.37 4.13
CA SER A 290 -0.54 9.19 3.90
C SER A 290 -0.15 10.68 3.85
N GLY A 291 0.87 11.05 4.62
CA GLY A 291 1.39 12.41 4.60
C GLY A 291 2.15 12.69 3.32
N ALA A 292 2.93 11.70 2.88
CA ALA A 292 3.64 11.80 1.61
C ALA A 292 2.69 12.04 0.46
N ALA A 293 1.59 11.31 0.47
CA ALA A 293 0.62 11.36 -0.61
C ALA A 293 -0.08 12.73 -0.58
N VAL A 294 -0.40 13.21 0.62
CA VAL A 294 -1.05 14.51 0.72
C VAL A 294 -0.12 15.66 0.31
N ALA A 295 1.15 15.61 0.70
CA ALA A 295 2.09 16.68 0.36
C ALA A 295 2.24 16.82 -1.17
N ALA A 296 2.16 15.71 -1.87
CA ALA A 296 2.25 15.71 -3.32
C ALA A 296 0.95 16.19 -3.96
N ALA A 297 -0.17 15.85 -3.33
CA ALA A 297 -1.46 16.28 -3.83
C ALA A 297 -1.64 17.77 -3.58
N ASP A 298 -1.10 18.27 -2.47
CA ASP A 298 -1.23 19.68 -2.15
C ASP A 298 -0.46 20.48 -3.19
N ARG A 299 0.74 20.01 -3.50
CA ARG A 299 1.54 20.65 -4.54
C ARG A 299 0.79 20.68 -5.88
N LEU A 300 0.30 19.53 -6.33
CA LEU A 300 -0.44 19.51 -7.59
C LEU A 300 -1.63 20.47 -7.51
N ALA A 301 -2.31 20.44 -6.35
CA ALA A 301 -3.60 21.12 -6.15
C ALA A 301 -3.48 22.63 -6.19
N LYS A 302 -2.27 23.12 -5.97
CA LYS A 302 -2.03 24.55 -5.97
C LYS A 302 -1.51 25.04 -7.33
N LEU A 303 -1.57 24.17 -8.33
CA LEU A 303 -1.33 24.54 -9.71
C LEU A 303 -2.67 24.83 -10.35
N PRO A 304 -2.81 26.05 -10.92
CA PRO A 304 -4.03 26.47 -11.63
C PRO A 304 -4.53 25.42 -12.61
N GLU A 305 -3.63 24.58 -13.14
CA GLU A 305 -4.01 23.43 -13.96
C GLU A 305 -5.09 22.61 -13.24
N PHE A 306 -4.90 22.39 -11.94
CA PHE A 306 -5.73 21.46 -11.20
C PHE A 306 -6.79 22.13 -10.35
N ALA A 307 -6.99 23.43 -10.59
CA ALA A 307 -7.92 24.26 -9.81
C ALA A 307 -9.37 23.80 -9.92
N ASP A 308 -9.79 23.47 -11.13
CA ASP A 308 -11.13 22.91 -11.33
C ASP A 308 -11.08 21.38 -11.38
N LYS A 309 -10.06 20.79 -10.77
CA LYS A 309 -9.90 19.34 -10.80
C LYS A 309 -10.17 18.71 -9.44
N LEU A 310 -10.93 17.61 -9.43
CA LEU A 310 -11.13 16.85 -8.21
C LEU A 310 -9.97 15.86 -8.02
N ILE A 311 -9.20 16.07 -6.96
CA ILE A 311 -8.03 15.25 -6.66
C ILE A 311 -8.32 14.21 -5.55
N VAL A 312 -8.17 12.93 -5.88
CA VAL A 312 -8.41 11.89 -4.89
C VAL A 312 -7.10 11.27 -4.43
N VAL A 313 -6.93 11.24 -3.12
CA VAL A 313 -5.69 10.79 -2.50
C VAL A 313 -5.89 9.56 -1.64
N ILE A 314 -5.09 8.53 -1.89
CA ILE A 314 -5.13 7.33 -1.05
C ILE A 314 -4.31 7.53 0.23
N LEU A 315 -4.99 7.42 1.37
CA LEU A 315 -4.31 7.43 2.68
C LEU A 315 -4.21 5.98 3.16
N PRO A 316 -3.05 5.35 2.90
CA PRO A 316 -2.84 3.90 3.01
C PRO A 316 -3.08 3.29 4.37
N SER A 317 -2.79 4.03 5.45
CA SER A 317 -2.85 3.46 6.78
C SER A 317 -3.18 4.52 7.82
N ALA A 318 -3.04 4.16 9.09
CA ALA A 318 -3.48 4.98 10.21
C ALA A 318 -2.41 5.17 11.28
N SER A 319 -2.55 6.26 12.04
CA SER A 319 -1.52 6.77 12.96
C SER A 319 -0.98 5.79 13.99
N GLU A 320 -1.86 4.96 14.55
CA GLU A 320 -1.45 4.09 15.65
C GLU A 320 -0.53 2.94 15.25
N ARG A 321 -0.30 2.75 13.95
CA ARG A 321 0.71 1.79 13.50
C ARG A 321 2.10 2.40 13.63
N TYR A 322 2.16 3.66 14.07
CA TYR A 322 3.39 4.44 13.99
C TYR A 322 3.82 5.09 15.29
N LEU A 323 3.15 4.71 16.38
CA LEU A 323 3.45 5.22 17.72
C LEU A 323 4.94 5.35 18.02
N SER A 324 5.70 4.31 17.74
CA SER A 324 7.12 4.29 18.10
C SER A 324 8.03 4.86 17.01
N THR A 325 7.45 5.53 16.03
CA THR A 325 8.26 6.11 14.94
C THR A 325 8.39 7.61 15.09
N ALA A 326 9.17 8.21 14.20
CA ALA A 326 9.42 9.66 14.19
C ALA A 326 8.16 10.49 14.06
N LEU A 327 7.08 9.86 13.61
CA LEU A 327 5.79 10.53 13.47
C LEU A 327 5.31 11.07 14.81
N PHE A 328 5.67 10.39 15.90
CA PHE A 328 5.29 10.81 17.24
C PHE A 328 6.51 11.21 18.06
N THR B 1 14.53 4.44 9.08
CA THR B 1 14.51 4.44 7.62
C THR B 1 14.17 3.07 7.00
N PHE B 2 13.55 3.11 5.83
CA PHE B 2 13.15 1.92 5.08
C PHE B 2 13.89 1.86 3.74
N GLU B 3 14.02 0.64 3.21
CA GLU B 3 14.71 0.40 1.94
C GLU B 3 14.41 -1.02 1.44
N TYR B 4 14.15 -1.14 0.13
CA TYR B 4 14.11 -2.44 -0.54
C TYR B 4 13.10 -3.47 -0.01
N GLY B 5 11.82 -3.23 -0.28
CA GLY B 5 10.77 -4.20 0.02
C GLY B 5 10.30 -4.27 1.47
N ASP B 6 11.13 -3.80 2.40
CA ASP B 6 10.77 -3.84 3.81
C ASP B 6 9.96 -2.60 4.17
N GLY B 7 8.88 -2.80 4.92
CA GLY B 7 7.97 -1.71 5.28
C GLY B 7 6.69 -1.80 4.47
N ILE B 8 6.68 -2.70 3.50
CA ILE B 8 5.53 -2.86 2.62
C ILE B 8 4.74 -4.13 2.98
#